data_2MZA
#
_entry.id   2MZA
#
_entity_poly.entity_id   1
_entity_poly.type   'polypeptide(L)'
_entity_poly.pdbx_seq_one_letter_code
;RSKDLRHAFR(SEP)MFPSSE
;
_entity_poly.pdbx_strand_id   A
#
# COMPACT_ATOMS: atom_id res chain seq x y z
N ARG A 1 -12.00 -2.09 1.66
CA ARG A 1 -12.35 -0.71 1.95
C ARG A 1 -11.42 0.26 1.22
N SER A 2 -11.66 1.55 1.39
CA SER A 2 -10.86 2.58 0.75
C SER A 2 -9.62 2.89 1.59
N LYS A 3 -9.76 2.78 2.91
CA LYS A 3 -8.66 3.05 3.82
C LYS A 3 -7.72 1.85 3.91
N ASP A 4 -8.25 0.66 3.66
CA ASP A 4 -7.46 -0.56 3.71
C ASP A 4 -6.56 -0.68 2.48
N LEU A 5 -7.00 -0.08 1.37
CA LEU A 5 -6.24 -0.13 0.13
C LEU A 5 -5.05 0.82 0.18
N ARG A 6 -5.17 1.88 0.99
CA ARG A 6 -4.11 2.85 1.14
C ARG A 6 -2.81 2.18 1.58
N HIS A 7 -2.94 1.10 2.36
CA HIS A 7 -1.78 0.37 2.86
C HIS A 7 -1.17 -0.48 1.75
N ALA A 8 -1.96 -0.75 0.70
CA ALA A 8 -1.49 -1.55 -0.41
C ALA A 8 -0.55 -0.75 -1.30
N PHE A 9 -0.66 0.58 -1.25
CA PHE A 9 0.19 1.45 -2.05
C PHE A 9 1.66 1.29 -1.67
N ARG A 10 1.89 0.90 -0.42
CA ARG A 10 3.26 0.71 0.07
C ARG A 10 3.87 -0.57 -0.49
N MET A 12 3.72 -1.63 -3.42
CA MET A 12 4.32 -1.26 -4.69
C MET A 12 5.64 -0.53 -4.49
N PHE A 13 5.78 0.12 -3.34
CA PHE A 13 6.99 0.86 -3.02
C PHE A 13 8.15 -0.08 -2.77
N PRO A 14 9.38 0.45 -2.84
CA PRO A 14 10.60 -0.32 -2.62
C PRO A 14 10.82 -0.68 -1.15
N SER A 15 10.11 0.02 -0.27
CA SER A 15 10.22 -0.23 1.17
C SER A 15 9.60 -1.57 1.54
N SER A 16 8.64 -2.01 0.74
CA SER A 16 7.97 -3.28 0.99
C SER A 16 8.90 -4.46 0.71
N GLU A 17 9.78 -4.28 -0.26
CA GLU A 17 10.73 -5.33 -0.62
C GLU A 17 11.97 -5.27 0.26
N ARG A 1 -14.21 0.35 0.81
CA ARG A 1 -12.96 0.05 1.48
C ARG A 1 -11.78 0.69 0.75
N SER A 2 -11.85 2.00 0.56
CA SER A 2 -10.79 2.73 -0.13
C SER A 2 -9.60 2.97 0.79
N LYS A 3 -9.87 3.05 2.09
CA LYS A 3 -8.82 3.28 3.07
C LYS A 3 -7.94 2.05 3.22
N ASP A 4 -8.53 0.87 3.00
CA ASP A 4 -7.80 -0.39 3.11
C ASP A 4 -6.80 -0.54 1.96
N LEU A 5 -7.14 0.05 0.82
CA LEU A 5 -6.27 -0.02 -0.36
C LEU A 5 -5.08 0.91 -0.21
N ARG A 6 -5.26 1.98 0.57
CA ARG A 6 -4.19 2.95 0.79
C ARG A 6 -2.95 2.27 1.36
N HIS A 7 -3.16 1.21 2.13
CA HIS A 7 -2.06 0.47 2.73
C HIS A 7 -1.36 -0.41 1.70
N ALA A 8 -2.06 -0.68 0.59
CA ALA A 8 -1.51 -1.51 -0.47
C ALA A 8 -0.48 -0.73 -1.29
N PHE A 9 -0.59 0.59 -1.26
CA PHE A 9 0.34 1.44 -2.00
C PHE A 9 1.78 1.25 -1.52
N ARG A 10 1.91 0.84 -0.26
CA ARG A 10 3.23 0.62 0.32
C ARG A 10 3.86 -0.66 -0.22
N MET A 12 3.75 -1.69 -3.21
CA MET A 12 4.35 -1.32 -4.50
C MET A 12 5.67 -0.59 -4.28
N PHE A 13 5.80 0.06 -3.13
CA PHE A 13 7.01 0.81 -2.80
C PHE A 13 8.18 -0.15 -2.55
N PRO A 14 9.40 0.40 -2.59
CA PRO A 14 10.62 -0.38 -2.38
C PRO A 14 10.83 -0.75 -0.90
N SER A 15 10.11 -0.05 -0.03
CA SER A 15 10.22 -0.30 1.40
C SER A 15 9.61 -1.65 1.77
N SER A 16 8.65 -2.10 0.96
CA SER A 16 7.98 -3.38 1.20
C SER A 16 8.90 -4.55 0.88
N GLU A 17 9.77 -4.35 -0.11
CA GLU A 17 10.71 -5.38 -0.52
C GLU A 17 11.96 -5.36 0.36
N ARG A 1 -12.53 -1.73 0.10
CA ARG A 1 -12.42 -0.41 0.71
C ARG A 1 -11.23 0.36 0.15
N SER A 2 -11.37 1.67 0.07
CA SER A 2 -10.30 2.53 -0.45
C SER A 2 -9.23 2.75 0.60
N LYS A 3 -9.62 2.72 1.87
CA LYS A 3 -8.70 2.92 2.97
C LYS A 3 -7.79 1.71 3.14
N ASP A 4 -8.30 0.53 2.82
CA ASP A 4 -7.53 -0.70 2.92
C ASP A 4 -6.54 -0.83 1.78
N LEU A 5 -6.90 -0.26 0.63
CA LEU A 5 -6.04 -0.31 -0.55
C LEU A 5 -4.86 0.66 -0.41
N ARG A 6 -5.07 1.72 0.37
CA ARG A 6 -4.02 2.71 0.58
C ARG A 6 -2.76 2.06 1.15
N HIS A 7 -2.94 1.00 1.93
CA HIS A 7 -1.82 0.28 2.53
C HIS A 7 -1.11 -0.58 1.49
N ALA A 8 -1.80 -0.87 0.39
CA ALA A 8 -1.24 -1.69 -0.67
C ALA A 8 -0.23 -0.89 -1.51
N PHE A 9 -0.36 0.44 -1.48
CA PHE A 9 0.53 1.31 -2.22
C PHE A 9 1.96 1.18 -1.72
N ARG A 10 2.11 0.79 -0.46
CA ARG A 10 3.43 0.64 0.15
C ARG A 10 4.11 -0.62 -0.37
N MET A 12 4.06 -1.69 -3.38
CA MET A 12 4.65 -1.30 -4.66
C MET A 12 5.96 -0.55 -4.45
N PHE A 13 6.09 0.09 -3.29
CA PHE A 13 7.29 0.84 -2.96
C PHE A 13 8.47 -0.08 -2.72
N PRO A 14 9.70 0.48 -2.77
CA PRO A 14 10.92 -0.28 -2.56
C PRO A 14 11.14 -0.65 -1.10
N SER A 15 10.42 0.03 -0.21
CA SER A 15 10.53 -0.21 1.22
C SER A 15 9.94 -1.58 1.58
N SER A 16 8.99 -2.04 0.77
CA SER A 16 8.34 -3.32 1.01
C SER A 16 9.30 -4.47 0.75
N GLU A 17 10.20 -4.28 -0.21
CA GLU A 17 11.18 -5.31 -0.56
C GLU A 17 12.45 -5.15 0.28
N ARG A 1 -11.95 -2.02 0.44
CA ARG A 1 -12.32 -0.64 0.70
C ARG A 1 -11.28 0.32 0.11
N SER A 2 -11.53 1.62 0.28
CA SER A 2 -10.63 2.64 -0.24
C SER A 2 -9.54 2.97 0.78
N LYS A 3 -9.85 2.80 2.06
CA LYS A 3 -8.90 3.08 3.12
C LYS A 3 -7.96 1.89 3.33
N ASP A 4 -8.44 0.69 3.03
CA ASP A 4 -7.66 -0.52 3.18
C ASP A 4 -6.68 -0.68 2.02
N LEU A 5 -7.04 -0.13 0.87
CA LEU A 5 -6.20 -0.21 -0.32
C LEU A 5 -5.01 0.73 -0.21
N ARG A 6 -5.18 1.81 0.55
CA ARG A 6 -4.12 2.79 0.73
C ARG A 6 -2.86 2.13 1.28
N HIS A 7 -3.05 1.09 2.08
CA HIS A 7 -1.93 0.37 2.67
C HIS A 7 -1.25 -0.52 1.65
N ALA A 8 -1.97 -0.82 0.56
CA ALA A 8 -1.43 -1.67 -0.49
C ALA A 8 -0.43 -0.90 -1.35
N PHE A 9 -0.53 0.42 -1.34
CA PHE A 9 0.37 1.27 -2.13
C PHE A 9 1.81 1.10 -1.65
N ARG A 10 1.97 0.74 -0.38
CA ARG A 10 3.30 0.55 0.18
C ARG A 10 3.94 -0.74 -0.33
N MET A 12 3.74 -1.85 -3.33
CA MET A 12 4.30 -1.51 -4.64
C MET A 12 5.63 -0.79 -4.49
N PHE A 13 5.82 -0.13 -3.35
CA PHE A 13 7.05 0.60 -3.09
C PHE A 13 8.22 -0.35 -2.89
N PRO A 14 9.45 0.18 -3.00
CA PRO A 14 10.67 -0.61 -2.83
C PRO A 14 10.93 -0.96 -1.36
N SER A 15 10.27 -0.25 -0.47
CA SER A 15 10.44 -0.47 0.97
C SER A 15 9.83 -1.81 1.37
N SER A 16 8.84 -2.25 0.62
CA SER A 16 8.17 -3.52 0.90
C SER A 16 9.09 -4.71 0.62
N GLU A 17 10.04 -4.51 -0.30
CA GLU A 17 10.98 -5.56 -0.65
C GLU A 17 12.19 -5.55 0.29
N ARG A 1 -12.62 -1.67 0.70
CA ARG A 1 -12.82 -0.24 0.86
C ARG A 1 -11.69 0.55 0.21
N SER A 2 -11.79 1.88 0.28
CA SER A 2 -10.78 2.75 -0.31
C SER A 2 -9.60 2.94 0.63
N LYS A 3 -9.88 2.91 1.93
CA LYS A 3 -8.85 3.08 2.94
C LYS A 3 -8.01 1.82 3.07
N ASP A 4 -8.61 0.68 2.77
CA ASP A 4 -7.90 -0.60 2.84
C ASP A 4 -6.94 -0.76 1.67
N LEU A 5 -7.30 -0.20 0.52
CA LEU A 5 -6.48 -0.28 -0.67
C LEU A 5 -5.29 0.67 -0.57
N ARG A 6 -5.46 1.75 0.19
CA ARG A 6 -4.40 2.73 0.37
C ARG A 6 -3.13 2.07 0.92
N HIS A 7 -3.31 1.02 1.72
CA HIS A 7 -2.19 0.30 2.30
C HIS A 7 -1.51 -0.59 1.27
N ALA A 8 -2.23 -0.88 0.19
CA ALA A 8 -1.70 -1.72 -0.88
C ALA A 8 -0.70 -0.96 -1.74
N PHE A 9 -0.82 0.37 -1.74
CA PHE A 9 0.08 1.22 -2.52
C PHE A 9 1.51 1.12 -2.00
N ARG A 10 1.65 0.80 -0.71
CA ARG A 10 2.97 0.67 -0.10
C ARG A 10 3.65 -0.62 -0.54
N MET A 12 3.80 -1.82 -3.42
CA MET A 12 4.51 -1.50 -4.65
C MET A 12 5.79 -0.72 -4.35
N PHE A 13 5.79 -0.01 -3.22
CA PHE A 13 6.95 0.79 -2.83
C PHE A 13 8.12 -0.12 -2.42
N PRO A 14 9.33 0.46 -2.40
CA PRO A 14 10.54 -0.27 -2.03
C PRO A 14 10.62 -0.55 -0.52
N SER A 15 9.82 0.17 0.24
CA SER A 15 9.80 0.00 1.70
C SER A 15 9.19 -1.35 2.08
N SER A 16 8.31 -1.86 1.21
CA SER A 16 7.66 -3.13 1.46
C SER A 16 8.63 -4.29 1.23
N GLU A 17 9.56 -4.11 0.31
CA GLU A 17 10.55 -5.15 0.00
C GLU A 17 11.77 -5.01 0.90
N ARG A 1 -13.48 -0.47 -0.45
CA ARG A 1 -12.87 0.41 0.54
C ARG A 1 -11.60 1.06 -0.01
N SER A 2 -11.59 2.39 -0.02
CA SER A 2 -10.44 3.14 -0.52
C SER A 2 -9.42 3.38 0.58
N LYS A 3 -9.90 3.45 1.82
CA LYS A 3 -9.03 3.67 2.97
C LYS A 3 -8.20 2.43 3.27
N ASP A 4 -8.73 1.27 2.92
CA ASP A 4 -8.03 0.01 3.15
C ASP A 4 -7.04 -0.28 2.02
N LEU A 5 -7.34 0.20 0.83
CA LEU A 5 -6.49 0.01 -0.33
C LEU A 5 -5.26 0.92 -0.25
N ARG A 6 -5.41 2.05 0.42
CA ARG A 6 -4.31 3.00 0.56
C ARG A 6 -3.09 2.33 1.19
N HIS A 7 -3.34 1.36 2.06
CA HIS A 7 -2.27 0.64 2.73
C HIS A 7 -1.60 -0.35 1.79
N ALA A 8 -2.30 -0.70 0.71
CA ALA A 8 -1.78 -1.63 -0.27
C ALA A 8 -0.71 -0.98 -1.16
N PHE A 9 -0.78 0.35 -1.25
CA PHE A 9 0.18 1.11 -2.06
C PHE A 9 1.60 0.95 -1.52
N ARG A 10 1.70 0.68 -0.23
CA ARG A 10 3.00 0.51 0.42
C ARG A 10 3.70 -0.74 -0.10
N MET A 12 3.67 -1.79 -3.13
CA MET A 12 4.26 -1.41 -4.41
C MET A 12 5.57 -0.65 -4.20
N PHE A 13 5.70 -0.03 -3.04
CA PHE A 13 6.91 0.73 -2.71
C PHE A 13 8.08 -0.20 -2.47
N PRO A 14 9.31 0.36 -2.53
CA PRO A 14 10.53 -0.41 -2.33
C PRO A 14 10.76 -0.78 -0.86
N SER A 15 10.04 -0.11 0.03
CA SER A 15 10.15 -0.37 1.46
C SER A 15 9.57 -1.73 1.81
N SER A 16 8.61 -2.19 1.00
CA SER A 16 7.97 -3.47 1.23
C SER A 16 8.93 -4.63 0.96
N GLU A 17 9.86 -4.40 0.03
CA GLU A 17 10.84 -5.43 -0.32
C GLU A 17 12.07 -5.33 0.58
N ARG A 1 -12.35 -1.98 1.34
CA ARG A 1 -12.78 -0.59 1.28
C ARG A 1 -11.79 0.26 0.51
N SER A 2 -12.05 1.56 0.44
CA SER A 2 -11.18 2.49 -0.27
C SER A 2 -9.95 2.84 0.58
N LYS A 3 -10.13 2.84 1.89
CA LYS A 3 -9.04 3.16 2.82
C LYS A 3 -8.10 1.97 2.99
N ASP A 4 -8.64 0.77 2.79
CA ASP A 4 -7.85 -0.45 2.92
C ASP A 4 -6.88 -0.60 1.76
N LEU A 5 -7.25 -0.06 0.61
CA LEU A 5 -6.42 -0.13 -0.59
C LEU A 5 -5.25 0.85 -0.49
N ARG A 6 -5.45 1.93 0.25
CA ARG A 6 -4.41 2.93 0.43
C ARG A 6 -3.14 2.32 0.99
N HIS A 7 -3.29 1.28 1.79
CA HIS A 7 -2.15 0.58 2.39
C HIS A 7 -1.46 -0.30 1.36
N ALA A 8 -2.16 -0.62 0.29
CA ALA A 8 -1.61 -1.45 -0.77
C ALA A 8 -0.62 -0.67 -1.63
N PHE A 9 -0.76 0.65 -1.63
CA PHE A 9 0.10 1.51 -2.42
C PHE A 9 1.55 1.41 -1.95
N ARG A 10 1.72 1.06 -0.67
CA ARG A 10 3.06 0.92 -0.10
C ARG A 10 3.72 -0.37 -0.57
N MET A 12 3.80 -1.53 -3.44
CA MET A 12 4.49 -1.21 -4.69
C MET A 12 5.77 -0.45 -4.41
N PHE A 13 5.82 0.24 -3.27
CA PHE A 13 6.99 1.02 -2.89
C PHE A 13 8.16 0.10 -2.53
N PRO A 14 9.38 0.66 -2.51
CA PRO A 14 10.58 -0.09 -2.18
C PRO A 14 10.70 -0.39 -0.70
N SER A 15 9.91 0.32 0.11
CA SER A 15 9.93 0.13 1.56
C SER A 15 9.31 -1.22 1.93
N SER A 16 8.42 -1.70 1.08
CA SER A 16 7.75 -2.98 1.32
C SER A 16 8.69 -4.15 1.01
N GLU A 17 9.55 -3.97 0.03
CA GLU A 17 10.51 -5.00 -0.36
C GLU A 17 11.76 -4.95 0.50
N ARG A 1 -13.94 -1.15 0.28
CA ARG A 1 -13.16 -0.33 1.20
C ARG A 1 -11.96 0.30 0.49
N SER A 2 -12.04 1.60 0.25
CA SER A 2 -10.96 2.32 -0.43
C SER A 2 -9.79 2.55 0.52
N LYS A 3 -10.09 2.62 1.82
CA LYS A 3 -9.05 2.83 2.83
C LYS A 3 -8.17 1.60 2.98
N ASP A 4 -8.73 0.42 2.70
CA ASP A 4 -7.99 -0.82 2.79
C ASP A 4 -6.99 -0.94 1.64
N LEU A 5 -7.34 -0.39 0.49
CA LEU A 5 -6.49 -0.44 -0.68
C LEU A 5 -5.31 0.52 -0.54
N ARG A 6 -5.53 1.60 0.22
CA ARG A 6 -4.49 2.60 0.44
C ARG A 6 -3.23 1.96 1.00
N HIS A 7 -3.41 0.90 1.79
CA HIS A 7 -2.28 0.21 2.40
C HIS A 7 -1.56 -0.66 1.38
N ALA A 8 -2.24 -0.97 0.27
CA ALA A 8 -1.67 -1.78 -0.79
C ALA A 8 -0.67 -0.99 -1.61
N PHE A 9 -0.81 0.34 -1.60
CA PHE A 9 0.08 1.20 -2.35
C PHE A 9 1.50 1.13 -1.81
N ARG A 10 1.62 0.79 -0.53
CA ARG A 10 2.93 0.68 0.11
C ARG A 10 3.68 -0.55 -0.39
N MET A 12 3.80 -1.59 -3.38
CA MET A 12 4.44 -1.17 -4.63
C MET A 12 5.70 -0.37 -4.35
N PHE A 13 5.74 0.28 -3.18
CA PHE A 13 6.90 1.08 -2.79
C PHE A 13 8.11 0.19 -2.50
N PRO A 14 9.30 0.81 -2.50
CA PRO A 14 10.55 0.10 -2.24
C PRO A 14 10.72 -0.27 -0.77
N SER A 15 9.92 0.37 0.09
CA SER A 15 9.98 0.11 1.52
C SER A 15 9.44 -1.28 1.85
N SER A 16 8.55 -1.78 1.00
CA SER A 16 7.95 -3.09 1.19
C SER A 16 8.96 -4.20 0.91
N GLU A 17 9.88 -3.94 -0.01
CA GLU A 17 10.92 -4.90 -0.37
C GLU A 17 12.08 -4.83 0.59
N ARG A 1 -12.36 -2.15 -0.09
CA ARG A 1 -12.53 -0.81 0.44
C ARG A 1 -11.58 0.17 -0.24
N SER A 2 -11.84 1.46 -0.09
CA SER A 2 -11.01 2.49 -0.69
C SER A 2 -9.83 2.84 0.22
N LYS A 3 -10.03 2.69 1.51
CA LYS A 3 -8.99 2.98 2.49
C LYS A 3 -8.08 1.78 2.71
N ASP A 4 -8.62 0.59 2.48
CA ASP A 4 -7.87 -0.65 2.64
C ASP A 4 -6.86 -0.81 1.50
N LEU A 5 -7.19 -0.27 0.34
CA LEU A 5 -6.32 -0.36 -0.82
C LEU A 5 -5.13 0.59 -0.69
N ARG A 6 -5.33 1.68 0.05
CA ARG A 6 -4.27 2.66 0.27
C ARG A 6 -3.03 2.01 0.86
N HIS A 7 -3.24 0.97 1.66
CA HIS A 7 -2.14 0.26 2.29
C HIS A 7 -1.42 -0.64 1.28
N ALA A 8 -2.11 -0.94 0.19
CA ALA A 8 -1.53 -1.80 -0.84
C ALA A 8 -0.50 -1.03 -1.68
N PHE A 9 -0.62 0.28 -1.69
CA PHE A 9 0.29 1.12 -2.44
C PHE A 9 1.72 1.00 -1.91
N ARG A 10 1.84 0.66 -0.64
CA ARG A 10 3.14 0.51 -0.01
C ARG A 10 3.82 -0.79 -0.46
N MET A 12 3.86 -1.97 -3.42
CA MET A 12 4.51 -1.64 -4.68
C MET A 12 5.79 -0.85 -4.43
N PHE A 13 5.84 -0.14 -3.31
CA PHE A 13 7.01 0.67 -2.96
C PHE A 13 8.18 -0.23 -2.58
N PRO A 14 9.39 0.35 -2.59
CA PRO A 14 10.62 -0.37 -2.24
C PRO A 14 10.74 -0.61 -0.74
N SER A 15 9.96 0.12 0.04
CA SER A 15 9.98 -0.02 1.49
C SER A 15 9.39 -1.36 1.92
N SER A 16 8.49 -1.90 1.09
CA SER A 16 7.85 -3.17 1.39
C SER A 16 8.83 -4.33 1.25
N GLU A 17 9.78 -4.18 0.33
CA GLU A 17 10.79 -5.22 0.10
C GLU A 17 12.01 -4.99 0.98
N ARG A 1 -14.20 1.11 1.14
CA ARG A 1 -12.94 1.12 1.87
C ARG A 1 -11.82 1.72 1.02
N SER A 2 -11.82 3.05 0.91
CA SER A 2 -10.83 3.76 0.12
C SER A 2 -9.55 3.98 0.95
N LYS A 3 -9.72 4.12 2.26
CA LYS A 3 -8.59 4.34 3.15
C LYS A 3 -7.78 3.05 3.32
N ASP A 4 -8.45 1.91 3.19
CA ASP A 4 -7.78 0.62 3.32
C ASP A 4 -6.85 0.35 2.13
N LEU A 5 -7.23 0.89 0.97
CA LEU A 5 -6.43 0.70 -0.24
C LEU A 5 -5.18 1.58 -0.20
N ARG A 6 -5.27 2.70 0.52
CA ARG A 6 -4.15 3.63 0.63
C ARG A 6 -2.91 2.92 1.17
N HIS A 7 -3.14 1.92 2.02
CA HIS A 7 -2.04 1.16 2.61
C HIS A 7 -1.44 0.19 1.60
N ALA A 8 -2.20 -0.11 0.55
CA ALA A 8 -1.75 -1.02 -0.49
C ALA A 8 -0.73 -0.35 -1.40
N PHE A 9 -0.77 0.98 -1.45
CA PHE A 9 0.16 1.74 -2.28
C PHE A 9 1.60 1.54 -1.83
N ARG A 10 1.77 1.24 -0.55
CA ARG A 10 3.10 1.03 0.02
C ARG A 10 3.66 -0.33 -0.42
N MET A 12 3.56 -1.61 -3.26
CA MET A 12 4.20 -1.38 -4.54
C MET A 12 5.56 -0.71 -4.34
N PHE A 13 5.71 0.01 -3.23
CA PHE A 13 6.96 0.71 -2.93
C PHE A 13 8.05 -0.29 -2.57
N PRO A 14 9.31 0.17 -2.62
CA PRO A 14 10.47 -0.66 -2.30
C PRO A 14 10.61 -0.90 -0.79
N SER A 15 9.91 -0.10 -0.01
CA SER A 15 9.95 -0.22 1.45
C SER A 15 9.25 -1.50 1.91
N SER A 16 8.31 -1.97 1.10
CA SER A 16 7.56 -3.19 1.42
C SER A 16 8.45 -4.41 1.30
N GLU A 17 9.45 -4.33 0.43
CA GLU A 17 10.37 -5.45 0.21
C GLU A 17 11.50 -5.41 1.24
N ARG A 1 -13.72 0.28 0.86
CA ARG A 1 -12.51 0.29 1.69
C ARG A 1 -11.38 1.05 0.99
N SER A 2 -11.52 2.37 0.90
CA SER A 2 -10.51 3.19 0.25
C SER A 2 -9.40 3.57 1.23
N LYS A 3 -9.76 3.72 2.49
CA LYS A 3 -8.79 4.06 3.53
C LYS A 3 -7.88 2.89 3.83
N ASP A 4 -8.37 1.68 3.61
CA ASP A 4 -7.58 0.48 3.84
C ASP A 4 -6.71 0.14 2.64
N LEU A 5 -7.16 0.55 1.46
CA LEU A 5 -6.42 0.29 0.23
C LEU A 5 -5.20 1.21 0.11
N ARG A 6 -5.30 2.38 0.73
CA ARG A 6 -4.21 3.35 0.71
C ARG A 6 -2.92 2.72 1.24
N HIS A 7 -3.06 1.80 2.18
CA HIS A 7 -1.91 1.12 2.77
C HIS A 7 -1.33 0.09 1.81
N ALA A 8 -2.14 -0.32 0.84
CA ALA A 8 -1.71 -1.30 -0.15
C ALA A 8 -0.76 -0.70 -1.17
N PHE A 9 -0.84 0.63 -1.33
CA PHE A 9 0.00 1.34 -2.28
C PHE A 9 1.47 1.24 -1.88
N ARG A 10 1.72 1.05 -0.59
CA ARG A 10 3.08 0.93 -0.09
C ARG A 10 3.67 -0.44 -0.41
N MET A 12 3.49 -1.97 -3.11
CA MET A 12 4.10 -1.84 -4.44
C MET A 12 5.43 -1.10 -4.35
N PHE A 13 5.58 -0.27 -3.33
CA PHE A 13 6.80 0.50 -3.14
C PHE A 13 7.95 -0.41 -2.73
N PRO A 14 9.19 0.10 -2.88
CA PRO A 14 10.40 -0.65 -2.54
C PRO A 14 10.62 -0.74 -1.03
N SER A 15 9.92 0.10 -0.28
CA SER A 15 10.04 0.12 1.18
C SER A 15 9.40 -1.14 1.78
N SER A 16 8.44 -1.70 1.07
CA SER A 16 7.76 -2.91 1.53
C SER A 16 8.57 -4.15 1.22
N GLU A 17 9.30 -4.12 0.11
CA GLU A 17 10.13 -5.25 -0.30
C GLU A 17 11.43 -5.28 0.48
N ARG A 1 -12.67 -1.70 0.91
CA ARG A 1 -12.69 -0.27 1.19
C ARG A 1 -11.48 0.42 0.55
N SER A 2 -11.56 1.74 0.42
CA SER A 2 -10.48 2.51 -0.17
C SER A 2 -9.36 2.75 0.83
N LYS A 3 -9.71 2.74 2.12
CA LYS A 3 -8.73 2.95 3.17
C LYS A 3 -7.84 1.72 3.34
N ASP A 4 -8.37 0.56 2.97
CA ASP A 4 -7.61 -0.69 3.08
C ASP A 4 -6.63 -0.83 1.91
N LEU A 5 -7.02 -0.28 0.75
CA LEU A 5 -6.18 -0.36 -0.44
C LEU A 5 -5.01 0.62 -0.34
N ARG A 6 -5.21 1.70 0.41
CA ARG A 6 -4.18 2.71 0.59
C ARG A 6 -2.90 2.09 1.14
N HIS A 7 -3.06 1.04 1.95
CA HIS A 7 -1.92 0.36 2.54
C HIS A 7 -1.22 -0.52 1.52
N ALA A 8 -1.92 -0.84 0.44
CA ALA A 8 -1.36 -1.68 -0.61
C ALA A 8 -0.38 -0.89 -1.48
N PHE A 9 -0.53 0.43 -1.48
CA PHE A 9 0.34 1.30 -2.26
C PHE A 9 1.79 1.18 -1.79
N ARG A 10 1.96 0.84 -0.52
CA ARG A 10 3.30 0.69 0.05
C ARG A 10 3.96 -0.59 -0.41
N MET A 12 3.93 -1.79 -3.31
CA MET A 12 4.57 -1.47 -4.59
C MET A 12 5.86 -0.68 -4.37
N PHE A 13 5.94 0.01 -3.25
CA PHE A 13 7.12 0.82 -2.93
C PHE A 13 8.30 -0.08 -2.60
N PRO A 14 9.52 0.50 -2.65
CA PRO A 14 10.75 -0.24 -2.35
C PRO A 14 10.93 -0.50 -0.86
N SER A 15 10.17 0.22 -0.04
CA SER A 15 10.25 0.06 1.41
C SER A 15 9.66 -1.29 1.84
N SER A 16 8.74 -1.81 1.03
CA SER A 16 8.10 -3.09 1.33
C SER A 16 8.95 -4.25 0.82
N GLU A 17 9.71 -4.00 -0.24
CA GLU A 17 10.57 -5.03 -0.83
C GLU A 17 11.84 -5.21 0.00
N ARG A 1 -11.82 -1.98 -0.03
CA ARG A 1 -12.07 -0.62 0.43
C ARG A 1 -10.95 0.32 -0.01
N SER A 2 -11.16 1.61 0.21
CA SER A 2 -10.17 2.62 -0.17
C SER A 2 -9.16 2.85 0.95
N LYS A 3 -9.62 2.69 2.19
CA LYS A 3 -8.77 2.88 3.36
C LYS A 3 -7.85 1.67 3.55
N ASP A 4 -8.28 0.52 3.06
CA ASP A 4 -7.49 -0.70 3.19
C ASP A 4 -6.51 -0.83 2.02
N LEU A 5 -6.86 -0.22 0.89
CA LEU A 5 -6.00 -0.27 -0.29
C LEU A 5 -4.81 0.65 -0.14
N ARG A 6 -4.97 1.71 0.66
CA ARG A 6 -3.90 2.67 0.90
C ARG A 6 -2.65 1.97 1.44
N HIS A 7 -2.86 0.90 2.19
CA HIS A 7 -1.76 0.14 2.77
C HIS A 7 -1.08 -0.71 1.70
N ALA A 8 -1.78 -0.96 0.60
CA ALA A 8 -1.25 -1.77 -0.49
C ALA A 8 -0.23 -0.99 -1.30
N PHE A 9 -0.32 0.34 -1.24
CA PHE A 9 0.60 1.21 -1.98
C PHE A 9 2.02 1.02 -1.49
N ARG A 10 2.17 0.62 -0.23
CA ARG A 10 3.49 0.41 0.36
C ARG A 10 4.12 -0.88 -0.17
N MET A 12 4.01 -1.92 -3.19
CA MET A 12 4.59 -1.55 -4.46
C MET A 12 5.89 -0.78 -4.27
N PHE A 13 6.01 -0.12 -3.12
CA PHE A 13 7.20 0.66 -2.80
C PHE A 13 8.40 -0.25 -2.55
N PRO A 14 9.60 0.32 -2.60
CA PRO A 14 10.86 -0.42 -2.38
C PRO A 14 11.07 -0.76 -0.91
N SER A 15 10.35 -0.07 -0.04
CA SER A 15 10.46 -0.28 1.40
C SER A 15 9.89 -1.65 1.79
N SER A 16 8.95 -2.13 0.99
CA SER A 16 8.32 -3.42 1.26
C SER A 16 9.16 -4.57 0.72
N GLU A 17 9.87 -4.30 -0.38
CA GLU A 17 10.71 -5.31 -1.00
C GLU A 17 12.04 -5.44 -0.25
N ARG A 1 -14.07 0.91 1.27
CA ARG A 1 -12.83 0.65 2.00
C ARG A 1 -11.64 1.33 1.31
N SER A 2 -11.81 2.61 0.99
CA SER A 2 -10.76 3.37 0.33
C SER A 2 -9.61 3.67 1.29
N LYS A 3 -9.93 3.75 2.58
CA LYS A 3 -8.93 4.03 3.60
C LYS A 3 -8.04 2.81 3.83
N ASP A 4 -8.61 1.63 3.66
CA ASP A 4 -7.87 0.38 3.85
C ASP A 4 -6.97 0.10 2.64
N LEU A 5 -7.37 0.60 1.49
CA LEU A 5 -6.60 0.41 0.26
C LEU A 5 -5.36 1.28 0.25
N ARG A 6 -5.43 2.41 0.95
CA ARG A 6 -4.31 3.35 1.02
C ARG A 6 -3.05 2.64 1.54
N HIS A 7 -3.26 1.66 2.42
CA HIS A 7 -2.15 0.92 2.99
C HIS A 7 -1.58 -0.07 1.99
N ALA A 8 -2.36 -0.39 0.96
CA ALA A 8 -1.93 -1.33 -0.08
C ALA A 8 -0.93 -0.67 -1.03
N PHE A 9 -0.97 0.66 -1.10
CA PHE A 9 -0.07 1.40 -1.97
C PHE A 9 1.38 1.22 -1.54
N ARG A 10 1.57 0.96 -0.25
CA ARG A 10 2.92 0.76 0.29
C ARG A 10 3.48 -0.59 -0.11
N MET A 12 3.22 -1.98 -2.94
CA MET A 12 3.81 -1.79 -4.27
C MET A 12 5.17 -1.10 -4.17
N PHE A 13 5.37 -0.33 -3.11
CA PHE A 13 6.62 0.39 -2.90
C PHE A 13 7.75 -0.58 -2.58
N PRO A 14 9.00 -0.11 -2.72
CA PRO A 14 10.19 -0.91 -2.46
C PRO A 14 10.42 -1.12 -0.96
N SER A 15 9.76 -0.30 -0.15
CA SER A 15 9.90 -0.39 1.30
C SER A 15 9.25 -1.67 1.83
N SER A 16 8.27 -2.17 1.10
CA SER A 16 7.57 -3.38 1.50
C SER A 16 8.47 -4.61 1.36
N GLU A 17 9.43 -4.51 0.45
CA GLU A 17 10.36 -5.62 0.22
C GLU A 17 11.52 -5.57 1.21
N ARG A 1 -14.10 0.98 0.36
CA ARG A 1 -12.96 1.04 1.27
C ARG A 1 -11.72 1.56 0.56
N SER A 2 -11.60 2.89 0.48
CA SER A 2 -10.47 3.52 -0.18
C SER A 2 -9.28 3.63 0.77
N LYS A 3 -9.57 3.70 2.07
CA LYS A 3 -8.53 3.80 3.08
C LYS A 3 -7.75 2.49 3.20
N ASP A 4 -8.45 1.38 2.95
CA ASP A 4 -7.82 0.06 3.03
C ASP A 4 -6.85 -0.15 1.87
N LEU A 5 -7.16 0.43 0.72
CA LEU A 5 -6.32 0.30 -0.46
C LEU A 5 -5.07 1.17 -0.33
N ARG A 6 -5.18 2.25 0.43
CA ARG A 6 -4.06 3.16 0.64
C ARG A 6 -2.86 2.41 1.20
N HIS A 7 -3.12 1.38 1.99
CA HIS A 7 -2.05 0.58 2.59
C HIS A 7 -1.42 -0.34 1.55
N ALA A 8 -2.14 -0.59 0.46
CA ALA A 8 -1.65 -1.45 -0.61
C ALA A 8 -0.59 -0.75 -1.44
N PHE A 9 -0.61 0.57 -1.43
CA PHE A 9 0.35 1.37 -2.18
C PHE A 9 1.76 1.16 -1.66
N ARG A 10 1.86 0.81 -0.38
CA ARG A 10 3.16 0.59 0.25
C ARG A 10 3.78 -0.71 -0.23
N MET A 12 3.83 -1.82 -3.17
CA MET A 12 4.53 -1.49 -4.41
C MET A 12 5.85 -0.79 -4.13
N PHE A 13 5.92 -0.13 -2.97
CA PHE A 13 7.13 0.58 -2.58
C PHE A 13 8.26 -0.40 -2.24
N PRO A 14 9.49 0.12 -2.22
CA PRO A 14 10.68 -0.69 -1.92
C PRO A 14 10.79 -1.03 -0.43
N SER A 15 10.03 -0.30 0.39
CA SER A 15 10.04 -0.53 1.83
C SER A 15 9.38 -1.85 2.19
N SER A 16 8.48 -2.31 1.32
CA SER A 16 7.76 -3.56 1.55
C SER A 16 8.53 -4.73 0.95
N GLU A 17 9.22 -4.47 -0.17
CA GLU A 17 10.00 -5.50 -0.84
C GLU A 17 11.40 -5.62 -0.24
N ARG A 1 -13.93 0.31 0.18
CA ARG A 1 -12.76 0.49 1.03
C ARG A 1 -11.61 1.14 0.24
N SER A 2 -11.58 2.47 0.28
CA SER A 2 -10.55 3.23 -0.42
C SER A 2 -9.32 3.42 0.47
N LYS A 3 -9.55 3.50 1.77
CA LYS A 3 -8.46 3.68 2.73
C LYS A 3 -7.65 2.40 2.90
N ASP A 4 -8.31 1.26 2.71
CA ASP A 4 -7.66 -0.03 2.83
C ASP A 4 -6.69 -0.27 1.67
N LEU A 5 -7.02 0.28 0.51
CA LEU A 5 -6.19 0.13 -0.67
C LEU A 5 -4.95 1.02 -0.57
N ARG A 6 -5.08 2.13 0.15
CA ARG A 6 -3.97 3.06 0.32
C ARG A 6 -2.75 2.35 0.90
N HIS A 7 -2.98 1.33 1.72
CA HIS A 7 -1.90 0.58 2.34
C HIS A 7 -1.26 -0.37 1.32
N ALA A 8 -1.99 -0.65 0.24
CA ALA A 8 -1.49 -1.54 -0.80
C ALA A 8 -0.44 -0.84 -1.66
N PHE A 9 -0.49 0.49 -1.69
CA PHE A 9 0.45 1.27 -2.48
C PHE A 9 1.88 1.10 -1.97
N ARG A 10 2.01 0.76 -0.68
CA ARG A 10 3.31 0.57 -0.07
C ARG A 10 3.94 -0.73 -0.55
N MET A 12 3.99 -1.85 -3.48
CA MET A 12 4.67 -1.52 -4.72
C MET A 12 5.97 -0.77 -4.45
N PHE A 13 6.03 -0.10 -3.30
CA PHE A 13 7.23 0.65 -2.92
C PHE A 13 8.34 -0.29 -2.50
N PRO A 14 9.58 0.24 -2.47
CA PRO A 14 10.77 -0.52 -2.09
C PRO A 14 10.84 -0.76 -0.58
N SER A 15 10.08 0.02 0.17
CA SER A 15 10.07 -0.09 1.62
C SER A 15 9.40 -1.39 2.06
N SER A 16 8.51 -1.90 1.23
CA SER A 16 7.80 -3.14 1.52
C SER A 16 8.65 -4.36 1.18
N GLU A 17 9.50 -4.20 0.17
CA GLU A 17 10.37 -5.29 -0.26
C GLU A 17 11.69 -5.27 0.52
N ARG A 1 -12.53 -2.05 0.38
CA ARG A 1 -12.70 -0.65 0.71
C ARG A 1 -11.64 0.21 0.04
N SER A 2 -11.86 1.53 0.04
CA SER A 2 -10.92 2.45 -0.58
C SER A 2 -9.75 2.76 0.37
N LYS A 3 -10.01 2.65 1.66
CA LYS A 3 -8.99 2.91 2.66
C LYS A 3 -8.06 1.71 2.82
N ASP A 4 -8.58 0.52 2.51
CA ASP A 4 -7.79 -0.70 2.62
C ASP A 4 -6.77 -0.79 1.50
N LEU A 5 -7.10 -0.21 0.35
CA LEU A 5 -6.20 -0.22 -0.80
C LEU A 5 -5.06 0.77 -0.61
N ARG A 6 -5.31 1.81 0.17
CA ARG A 6 -4.30 2.83 0.44
C ARG A 6 -3.05 2.21 1.03
N HIS A 7 -3.22 1.13 1.79
CA HIS A 7 -2.10 0.44 2.42
C HIS A 7 -1.34 -0.40 1.39
N ALA A 8 -1.99 -0.68 0.26
CA ALA A 8 -1.37 -1.47 -0.80
C ALA A 8 -0.36 -0.63 -1.58
N PHE A 9 -0.53 0.68 -1.54
CA PHE A 9 0.37 1.59 -2.25
C PHE A 9 1.79 1.49 -1.70
N ARG A 10 1.91 1.11 -0.43
CA ARG A 10 3.21 0.97 0.21
C ARG A 10 3.92 -0.29 -0.26
N MET A 12 3.91 -1.46 -3.24
CA MET A 12 4.52 -1.11 -4.52
C MET A 12 5.82 -0.36 -4.32
N PHE A 13 5.94 0.32 -3.18
CA PHE A 13 7.15 1.07 -2.86
C PHE A 13 8.33 0.14 -2.60
N PRO A 14 9.54 0.70 -2.66
CA PRO A 14 10.78 -0.06 -2.43
C PRO A 14 11.00 -0.38 -0.95
N SER A 15 10.27 0.33 -0.09
CA SER A 15 10.39 0.13 1.35
C SER A 15 9.81 -1.22 1.76
N SER A 16 8.87 -1.73 0.97
CA SER A 16 8.24 -3.00 1.25
C SER A 16 9.10 -4.16 0.74
N GLU A 17 9.80 -3.93 -0.35
CA GLU A 17 10.67 -4.95 -0.94
C GLU A 17 12.07 -4.87 -0.35
N ARG A 1 -12.21 -2.06 2.19
CA ARG A 1 -12.62 -0.69 1.90
C ARG A 1 -11.53 0.05 1.13
N SER A 2 -11.72 1.35 0.94
CA SER A 2 -10.75 2.18 0.23
C SER A 2 -9.52 2.43 1.08
N LYS A 3 -9.70 2.39 2.40
CA LYS A 3 -8.59 2.62 3.33
C LYS A 3 -7.68 1.39 3.38
N ASP A 4 -8.26 0.22 3.14
CA ASP A 4 -7.49 -1.02 3.17
C ASP A 4 -6.56 -1.11 1.97
N LEU A 5 -6.97 -0.51 0.85
CA LEU A 5 -6.17 -0.53 -0.36
C LEU A 5 -5.00 0.44 -0.26
N ARG A 6 -5.18 1.49 0.55
CA ARG A 6 -4.13 2.48 0.74
C ARG A 6 -2.84 1.84 1.22
N HIS A 7 -2.98 0.76 1.99
CA HIS A 7 -1.81 0.04 2.51
C HIS A 7 -1.15 -0.79 1.42
N ALA A 8 -1.90 -1.06 0.35
CA ALA A 8 -1.37 -1.84 -0.77
C ALA A 8 -0.41 -1.02 -1.62
N PHE A 9 -0.56 0.30 -1.56
CA PHE A 9 0.29 1.20 -2.33
C PHE A 9 1.74 1.11 -1.86
N ARG A 10 1.92 0.74 -0.58
CA ARG A 10 3.26 0.62 -0.02
C ARG A 10 3.97 -0.62 -0.55
N MET A 12 3.99 -1.67 -3.51
CA MET A 12 4.60 -1.28 -4.77
C MET A 12 5.85 -0.44 -4.53
N PHE A 13 5.90 0.22 -3.37
CA PHE A 13 7.05 1.05 -3.03
C PHE A 13 8.25 0.19 -2.63
N PRO A 14 9.44 0.81 -2.64
CA PRO A 14 10.68 0.12 -2.30
C PRO A 14 10.83 -0.10 -0.79
N SER A 15 10.03 0.63 -0.01
CA SER A 15 10.06 0.51 1.44
C SER A 15 9.50 -0.82 1.90
N SER A 16 8.62 -1.40 1.08
CA SER A 16 8.00 -2.68 1.40
C SER A 16 9.00 -3.82 1.21
N GLU A 17 9.92 -3.64 0.27
CA GLU A 17 10.94 -4.66 -0.01
C GLU A 17 12.17 -4.46 0.86
N ARG A 1 -12.65 -2.12 0.34
CA ARG A 1 -12.65 -0.75 0.84
C ARG A 1 -11.63 0.10 0.10
N SER A 2 -11.80 1.42 0.18
CA SER A 2 -10.90 2.36 -0.49
C SER A 2 -9.73 2.71 0.42
N LYS A 3 -9.98 2.70 1.73
CA LYS A 3 -8.96 3.03 2.71
C LYS A 3 -7.97 1.87 2.88
N ASP A 4 -8.47 0.65 2.71
CA ASP A 4 -7.64 -0.54 2.85
C ASP A 4 -6.65 -0.65 1.69
N LEU A 5 -7.02 -0.08 0.54
CA LEU A 5 -6.17 -0.11 -0.64
C LEU A 5 -5.00 0.86 -0.50
N ARG A 6 -5.21 1.92 0.28
CA ARG A 6 -4.17 2.92 0.50
C ARG A 6 -2.90 2.27 1.05
N HIS A 7 -3.08 1.20 1.82
CA HIS A 7 -1.94 0.49 2.41
C HIS A 7 -1.23 -0.36 1.36
N ALA A 8 -1.93 -0.64 0.26
CA ALA A 8 -1.36 -1.45 -0.81
C ALA A 8 -0.38 -0.64 -1.64
N PHE A 9 -0.51 0.68 -1.61
CA PHE A 9 0.37 1.57 -2.36
C PHE A 9 1.81 1.42 -1.88
N ARG A 10 1.99 1.01 -0.63
CA ARG A 10 3.31 0.83 -0.06
C ARG A 10 3.97 -0.44 -0.59
N MET A 12 4.09 -1.45 -3.50
CA MET A 12 4.80 -1.05 -4.72
C MET A 12 6.16 -0.46 -4.37
N PHE A 13 6.27 0.10 -3.17
CA PHE A 13 7.52 0.70 -2.72
C PHE A 13 8.51 -0.36 -2.26
N PRO A 14 9.80 0.02 -2.18
CA PRO A 14 10.86 -0.89 -1.75
C PRO A 14 10.85 -1.13 -0.24
N SER A 15 10.16 -0.26 0.49
CA SER A 15 10.07 -0.37 1.94
C SER A 15 9.23 -1.59 2.34
N SER A 16 8.22 -1.90 1.52
CA SER A 16 7.34 -3.03 1.79
C SER A 16 7.88 -4.30 1.15
N GLU A 17 8.57 -4.14 0.03
CA GLU A 17 9.14 -5.28 -0.69
C GLU A 17 10.50 -5.66 -0.11
N ARG A 1 -13.87 1.18 0.19
CA ARG A 1 -12.90 1.42 1.26
C ARG A 1 -11.58 1.93 0.68
N SER A 2 -11.52 3.23 0.43
CA SER A 2 -10.32 3.85 -0.13
C SER A 2 -9.27 4.04 0.96
N LYS A 3 -9.72 4.18 2.21
CA LYS A 3 -8.82 4.37 3.34
C LYS A 3 -8.03 3.09 3.63
N ASP A 4 -8.66 1.95 3.36
CA ASP A 4 -8.03 0.66 3.59
C ASP A 4 -7.08 0.30 2.45
N LEU A 5 -7.42 0.73 1.25
CA LEU A 5 -6.59 0.46 0.07
C LEU A 5 -5.35 1.35 0.06
N ARG A 6 -5.47 2.52 0.69
CA ARG A 6 -4.34 3.45 0.75
C ARG A 6 -3.12 2.80 1.37
N HIS A 7 -3.36 1.86 2.30
CA HIS A 7 -2.28 1.16 2.97
C HIS A 7 -1.66 0.11 2.05
N ALA A 8 -2.39 -0.27 1.02
CA ALA A 8 -1.92 -1.26 0.07
C ALA A 8 -0.88 -0.66 -0.88
N PHE A 9 -0.91 0.65 -1.04
CA PHE A 9 0.02 1.35 -1.92
C PHE A 9 1.45 1.17 -1.42
N ARG A 10 1.61 0.96 -0.12
CA ARG A 10 2.93 0.77 0.47
C ARG A 10 3.54 -0.56 0.06
N MET A 12 3.34 -1.89 -2.84
CA MET A 12 3.91 -1.66 -4.17
C MET A 12 5.28 -0.97 -4.05
N PHE A 13 5.48 -0.26 -2.96
CA PHE A 13 6.74 0.45 -2.73
C PHE A 13 7.87 -0.55 -2.46
N PRO A 14 9.12 -0.07 -2.59
CA PRO A 14 10.31 -0.89 -2.37
C PRO A 14 10.58 -1.14 -0.89
N SER A 15 9.92 -0.35 -0.04
CA SER A 15 10.08 -0.48 1.40
C SER A 15 9.45 -1.77 1.91
N SER A 16 8.44 -2.25 1.18
CA SER A 16 7.74 -3.47 1.55
C SER A 16 8.48 -4.70 1.04
N GLU A 17 9.15 -4.55 -0.10
CA GLU A 17 9.90 -5.65 -0.69
C GLU A 17 11.29 -5.77 -0.06
#